data_5DJP
#
_entry.id   5DJP
#
_cell.length_a   111.430
_cell.length_b   111.430
_cell.length_c   71.764
_cell.angle_alpha   90.000
_cell.angle_beta   90.000
_cell.angle_gamma   90.000
#
_symmetry.space_group_name_H-M   'P 41 21 2'
#
loop_
_entity.id
_entity.type
_entity.pdbx_description
1 polymer 'Farnesyl pyrophosphate synthase'
2 non-polymer '4-(naphthalen-1-yl)-1H-indole-2-carboxylic acid'
3 non-polymer 'PHOSPHATE ION'
4 water water
#
_entity_poly.entity_id   1
_entity_poly.type   'polypeptide(L)'
_entity_poly.pdbx_seq_one_letter_code
;GPNSDVYAQEKQDFVQHFSQIVRVLTEDEMGHPEIGDAIARLKEVLEYNAIGGKYNRGLTVVVAFRELVEPRKQDADSLQ
RAWTVGWCVELLQAFFLVADDIMDSSLTRRGQICWYQKPGVGLDAINDANLLEACIYRLLKLYCREQPYYLNLIELFLQS
SYQTEIGQTLDLLTAPQGNVDLVRFTEKRYKSIVKYKTAFYSFYLPIAAAMYMAGIDGEKEHANAKKILLEMGEFFQIQD
DYLDLFGDPSVTGKIGTDIQDNKCSWLVVQCLQRATPEQYQILKENYGQKEAEKVARVKALYEELDLPAVFLQYEEDSYS
HIMALIEQYAAPLPPAVFLGLARKIYKRRK
;
_entity_poly.pdbx_strand_id   F
#
# COMPACT_ATOMS: atom_id res chain seq x y z
N ASP A 5 -11.78 1.62 17.81
CA ASP A 5 -10.45 1.03 17.75
C ASP A 5 -9.31 2.02 18.03
N VAL A 6 -8.12 1.45 18.31
CA VAL A 6 -6.88 2.17 18.62
C VAL A 6 -6.41 3.07 17.44
N TYR A 7 -6.85 2.75 16.20
CA TYR A 7 -6.56 3.53 14.99
C TYR A 7 -7.32 4.86 15.00
N ALA A 8 -8.64 4.83 15.27
CA ALA A 8 -9.52 6.00 15.35
C ALA A 8 -9.09 6.97 16.47
N GLN A 9 -8.53 6.41 17.57
CA GLN A 9 -8.01 7.17 18.71
C GLN A 9 -6.82 8.05 18.28
N GLU A 10 -5.88 7.47 17.52
CA GLU A 10 -4.67 8.15 17.06
C GLU A 10 -4.84 9.01 15.79
N LYS A 11 -5.94 8.82 15.02
CA LYS A 11 -6.19 9.49 13.74
C LYS A 11 -6.10 11.02 13.77
N GLN A 12 -6.90 11.68 14.62
CA GLN A 12 -6.97 13.14 14.71
C GLN A 12 -5.61 13.82 14.90
N ASP A 13 -4.82 13.35 15.88
CA ASP A 13 -3.48 13.88 16.18
C ASP A 13 -2.56 13.69 14.97
N PHE A 14 -2.70 12.54 14.29
CA PHE A 14 -1.92 12.18 13.12
C PHE A 14 -2.24 13.07 11.92
N VAL A 15 -3.54 13.26 11.61
CA VAL A 15 -3.98 14.09 10.48
C VAL A 15 -3.69 15.61 10.75
N GLN A 16 -3.70 16.03 12.03
CA GLN A 16 -3.40 17.41 12.46
C GLN A 16 -1.93 17.72 12.25
N HIS A 17 -1.06 16.71 12.39
CA HIS A 17 0.40 16.80 12.23
C HIS A 17 0.83 17.08 10.77
N PHE A 18 -0.08 16.84 9.77
CA PHE A 18 0.23 17.10 8.37
C PHE A 18 0.63 18.55 8.12
N SER A 19 -0.05 19.50 8.80
CA SER A 19 0.20 20.95 8.72
C SER A 19 1.65 21.27 9.07
N GLN A 20 2.18 20.57 10.10
CA GLN A 20 3.54 20.72 10.62
C GLN A 20 4.55 20.21 9.58
N ILE A 21 4.27 19.00 9.01
CA ILE A 21 5.03 18.35 7.96
C ILE A 21 5.20 19.33 6.79
N VAL A 22 4.07 19.88 6.29
CA VAL A 22 4.05 20.83 5.18
C VAL A 22 4.83 22.10 5.51
N ARG A 23 4.67 22.63 6.72
CA ARG A 23 5.37 23.83 7.19
C ARG A 23 6.90 23.61 7.21
N VAL A 24 7.37 22.51 7.83
CA VAL A 24 8.79 22.16 7.95
C VAL A 24 9.42 21.89 6.54
N LEU A 25 8.64 21.27 5.64
CA LEU A 25 9.13 21.00 4.28
C LEU A 25 9.13 22.27 3.41
N THR A 26 8.25 23.24 3.70
CA THR A 26 8.22 24.48 2.93
C THR A 26 9.09 25.58 3.57
N GLU A 27 9.76 25.25 4.71
CA GLU A 27 10.68 26.15 5.44
C GLU A 27 12.13 26.10 4.86
N ASP A 28 12.28 25.65 3.58
CA ASP A 28 13.54 25.56 2.82
C ASP A 28 13.78 26.83 1.99
N GLU A 29 12.69 27.55 1.65
CA GLU A 29 12.70 28.79 0.85
C GLU A 29 12.92 30.07 1.71
N MET A 30 13.30 29.89 2.98
CA MET A 30 13.56 31.00 3.89
C MET A 30 14.93 31.61 3.54
N GLY A 31 15.96 30.76 3.57
CA GLY A 31 17.33 31.13 3.25
C GLY A 31 17.62 31.07 1.76
N HIS A 32 16.81 30.30 1.02
CA HIS A 32 16.94 30.16 -0.44
C HIS A 32 15.64 30.67 -1.10
N PRO A 33 15.43 32.03 -1.18
CA PRO A 33 14.19 32.56 -1.79
C PRO A 33 14.04 32.26 -3.27
N GLU A 34 15.17 31.98 -3.96
CA GLU A 34 15.34 31.62 -5.37
C GLU A 34 14.45 30.40 -5.82
N ILE A 35 14.27 29.39 -4.93
CA ILE A 35 13.49 28.17 -5.20
C ILE A 35 12.04 28.24 -4.66
N GLY A 36 11.58 29.43 -4.25
CA GLY A 36 10.24 29.66 -3.70
C GLY A 36 9.10 29.12 -4.55
N ASP A 37 9.12 29.41 -5.87
CA ASP A 37 8.14 28.95 -6.85
C ASP A 37 8.05 27.41 -6.89
N ALA A 38 9.20 26.73 -6.80
CA ALA A 38 9.27 25.26 -6.77
C ALA A 38 8.71 24.73 -5.47
N ILE A 39 8.94 25.44 -4.36
CA ILE A 39 8.47 25.02 -3.02
C ILE A 39 6.93 25.17 -2.93
N ALA A 40 6.37 26.19 -3.62
CA ALA A 40 4.92 26.39 -3.67
C ALA A 40 4.30 25.18 -4.42
N ARG A 41 4.92 24.74 -5.52
CA ARG A 41 4.48 23.58 -6.27
C ARG A 41 4.60 22.29 -5.43
N LEU A 42 5.63 22.16 -4.60
CA LEU A 42 5.80 21.03 -3.70
C LEU A 42 4.65 20.96 -2.68
N LYS A 43 4.24 22.11 -2.16
CA LYS A 43 3.15 22.24 -1.19
C LYS A 43 1.84 21.76 -1.83
N GLU A 44 1.51 22.26 -3.04
CA GLU A 44 0.33 21.87 -3.81
C GLU A 44 0.32 20.32 -4.09
N VAL A 45 1.47 19.74 -4.45
CA VAL A 45 1.66 18.30 -4.71
C VAL A 45 1.38 17.48 -3.42
N LEU A 46 1.88 17.95 -2.26
CA LEU A 46 1.67 17.32 -0.96
C LEU A 46 0.19 17.36 -0.58
N GLU A 47 -0.42 18.55 -0.65
CA GLU A 47 -1.80 18.75 -0.31
C GLU A 47 -2.77 17.92 -1.17
N TYR A 48 -2.52 17.83 -2.48
CA TYR A 48 -3.37 17.03 -3.35
C TYR A 48 -3.18 15.51 -3.19
N ASN A 49 -1.92 15.03 -3.05
CA ASN A 49 -1.59 13.61 -3.10
C ASN A 49 -1.41 12.87 -1.79
N ALA A 50 -0.95 13.55 -0.73
CA ALA A 50 -0.73 12.92 0.58
C ALA A 50 -1.99 12.93 1.44
N ILE A 51 -3.02 13.71 1.03
CA ILE A 51 -4.30 13.89 1.70
C ILE A 51 -5.46 13.31 0.90
N GLY A 52 -6.42 12.69 1.59
CA GLY A 52 -7.64 12.16 0.97
C GLY A 52 -7.85 10.66 1.03
N GLY A 53 -6.92 9.97 1.70
CA GLY A 53 -6.96 8.54 1.88
C GLY A 53 -7.37 8.20 3.29
N LYS A 54 -7.25 6.92 3.66
CA LYS A 54 -7.61 6.46 4.99
C LYS A 54 -6.46 6.60 6.03
N TYR A 55 -5.18 6.78 5.56
CA TYR A 55 -3.96 6.97 6.39
C TYR A 55 -3.59 5.76 7.24
N ASN A 56 -4.10 4.58 6.86
CA ASN A 56 -3.95 3.35 7.61
C ASN A 56 -2.51 2.86 7.80
N ARG A 57 -1.71 2.93 6.72
CA ARG A 57 -0.30 2.57 6.69
C ARG A 57 0.51 3.47 7.65
N GLY A 58 0.26 4.78 7.60
CA GLY A 58 0.91 5.76 8.47
C GLY A 58 0.50 5.64 9.91
N LEU A 59 -0.79 5.35 10.15
CA LEU A 59 -1.31 5.17 11.50
C LEU A 59 -0.76 3.92 12.15
N THR A 60 -0.49 2.87 11.35
CA THR A 60 0.12 1.62 11.80
C THR A 60 1.46 1.92 12.50
N VAL A 61 2.30 2.86 11.97
CA VAL A 61 3.54 3.29 12.64
C VAL A 61 3.20 3.79 14.07
N VAL A 62 2.22 4.73 14.17
CA VAL A 62 1.85 5.42 15.42
C VAL A 62 1.26 4.44 16.44
N VAL A 63 0.32 3.58 16.01
CA VAL A 63 -0.32 2.56 16.83
C VAL A 63 0.76 1.60 17.35
N ALA A 64 1.60 1.07 16.45
CA ALA A 64 2.68 0.16 16.83
C ALA A 64 3.69 0.83 17.76
N PHE A 65 3.98 2.12 17.57
CA PHE A 65 4.88 2.87 18.44
C PHE A 65 4.34 2.87 19.86
N ARG A 66 3.06 3.24 20.06
CA ARG A 66 2.34 3.30 21.33
C ARG A 66 2.39 1.96 22.10
N GLU A 67 2.32 0.84 21.37
CA GLU A 67 2.34 -0.53 21.91
C GLU A 67 3.75 -1.11 22.13
N LEU A 68 4.76 -0.60 21.43
CA LEU A 68 6.11 -1.16 21.56
C LEU A 68 6.98 -0.44 22.59
N VAL A 69 6.85 0.89 22.66
CA VAL A 69 7.60 1.79 23.56
C VAL A 69 6.91 1.89 24.93
N GLU A 70 7.72 1.85 26.03
CA GLU A 70 7.23 1.98 27.41
C GLU A 70 6.52 3.33 27.56
N PRO A 71 5.32 3.38 28.19
CA PRO A 71 4.58 4.66 28.31
C PRO A 71 5.40 5.86 28.81
N ARG A 72 6.37 5.58 29.70
CA ARG A 72 7.29 6.55 30.32
C ARG A 72 8.23 7.21 29.29
N LYS A 73 8.66 6.44 28.26
CA LYS A 73 9.56 6.94 27.18
C LYS A 73 8.79 7.62 26.02
N GLN A 74 7.44 7.56 26.05
CA GLN A 74 6.56 8.16 25.04
C GLN A 74 6.33 9.65 25.31
N ASP A 75 7.44 10.42 25.32
CA ASP A 75 7.39 11.86 25.54
C ASP A 75 6.91 12.64 24.30
N ALA A 76 6.81 13.97 24.43
CA ALA A 76 6.34 14.89 23.40
C ALA A 76 7.13 14.74 22.12
N ASP A 77 8.47 14.73 22.24
CA ASP A 77 9.41 14.60 21.15
C ASP A 77 9.33 13.26 20.43
N SER A 78 9.26 12.14 21.18
CA SER A 78 9.19 10.80 20.60
C SER A 78 7.90 10.58 19.77
N LEU A 79 6.80 11.22 20.18
CA LEU A 79 5.52 11.14 19.51
C LEU A 79 5.54 11.90 18.23
N GLN A 80 6.18 13.08 18.23
CA GLN A 80 6.35 13.91 17.04
C GLN A 80 7.11 13.10 15.98
N ARG A 81 8.17 12.37 16.41
CA ARG A 81 8.98 11.51 15.54
C ARG A 81 8.15 10.34 14.96
N ALA A 82 7.29 9.72 15.79
CA ALA A 82 6.39 8.64 15.38
C ALA A 82 5.37 9.11 14.33
N TRP A 83 4.79 10.33 14.48
CA TRP A 83 3.83 10.93 13.54
C TRP A 83 4.52 11.29 12.21
N THR A 84 5.78 11.73 12.27
CA THR A 84 6.59 12.08 11.11
C THR A 84 6.91 10.81 10.30
N VAL A 85 7.40 9.74 10.97
CA VAL A 85 7.73 8.47 10.31
C VAL A 85 6.47 7.84 9.70
N GLY A 86 5.32 8.02 10.37
CA GLY A 86 4.00 7.62 9.87
C GLY A 86 3.67 8.39 8.60
N TRP A 87 3.95 9.72 8.58
CA TRP A 87 3.72 10.54 7.38
C TRP A 87 4.70 10.17 6.24
N CYS A 88 5.95 9.76 6.56
CA CYS A 88 6.94 9.26 5.60
C CYS A 88 6.40 8.06 4.82
N VAL A 89 5.65 7.17 5.50
CA VAL A 89 5.03 5.97 4.89
C VAL A 89 3.94 6.42 3.93
N GLU A 90 3.14 7.41 4.37
CA GLU A 90 2.08 8.00 3.57
C GLU A 90 2.64 8.70 2.34
N LEU A 91 3.84 9.35 2.46
CA LEU A 91 4.54 10.00 1.33
C LEU A 91 5.11 8.99 0.36
N LEU A 92 5.61 7.87 0.89
CA LEU A 92 6.15 6.80 0.06
C LEU A 92 5.00 6.23 -0.82
N GLN A 93 3.84 6.03 -0.22
CA GLN A 93 2.66 5.61 -0.97
C GLN A 93 2.21 6.65 -2.02
N ALA A 94 2.20 7.94 -1.68
CA ALA A 94 1.81 9.03 -2.61
C ALA A 94 2.69 9.02 -3.85
N PHE A 95 4.00 8.85 -3.67
CA PHE A 95 5.02 8.73 -4.71
C PHE A 95 4.69 7.56 -5.64
N PHE A 96 4.37 6.36 -5.07
CA PHE A 96 3.97 5.15 -5.82
C PHE A 96 2.68 5.35 -6.60
N LEU A 97 1.65 5.93 -5.97
CA LEU A 97 0.34 6.15 -6.60
C LEU A 97 0.37 7.12 -7.76
N VAL A 98 1.03 8.28 -7.56
CA VAL A 98 1.16 9.33 -8.57
C VAL A 98 1.74 8.72 -9.87
N ALA A 99 2.85 7.98 -9.73
CA ALA A 99 3.61 7.34 -10.79
C ALA A 99 2.87 6.16 -11.46
N ASP A 100 2.27 5.27 -10.66
CA ASP A 100 1.51 4.11 -11.14
C ASP A 100 0.30 4.55 -11.97
N ASP A 101 -0.38 5.64 -11.53
CA ASP A 101 -1.52 6.22 -12.23
C ASP A 101 -1.09 6.75 -13.60
N ILE A 102 0.16 7.23 -13.73
CA ILE A 102 0.69 7.66 -15.04
C ILE A 102 0.88 6.39 -15.90
N MET A 103 1.59 5.38 -15.38
CA MET A 103 1.90 4.13 -16.09
C MET A 103 0.69 3.31 -16.51
N ASP A 104 -0.39 3.29 -15.75
CA ASP A 104 -1.53 2.50 -16.24
C ASP A 104 -2.67 3.34 -16.78
N SER A 105 -2.44 4.64 -17.05
CA SER A 105 -3.44 5.55 -17.62
C SER A 105 -4.72 5.63 -16.77
N SER A 106 -4.54 5.71 -15.45
CA SER A 106 -5.68 5.82 -14.56
C SER A 106 -6.36 7.19 -14.69
N LEU A 107 -7.67 7.22 -14.45
CA LEU A 107 -8.44 8.46 -14.54
C LEU A 107 -8.71 9.06 -13.17
N THR A 108 -9.04 8.21 -12.18
CA THR A 108 -9.37 8.65 -10.83
C THR A 108 -8.60 7.88 -9.81
N ARG A 109 -8.40 8.52 -8.66
CA ARG A 109 -7.68 8.03 -7.50
C ARG A 109 -8.37 8.67 -6.28
N ARG A 110 -8.70 7.85 -5.27
CA ARG A 110 -9.40 8.25 -4.01
C ARG A 110 -10.62 9.14 -4.27
N GLY A 111 -11.41 8.80 -5.28
CA GLY A 111 -12.59 9.58 -5.65
C GLY A 111 -12.34 10.80 -6.52
N GLN A 112 -11.11 11.35 -6.52
CA GLN A 112 -10.77 12.55 -7.30
C GLN A 112 -9.92 12.23 -8.56
N ILE A 113 -9.83 13.19 -9.49
CA ILE A 113 -9.05 13.02 -10.72
C ILE A 113 -7.57 12.78 -10.37
N CYS A 114 -6.88 11.88 -11.10
CA CYS A 114 -5.45 11.67 -10.88
C CYS A 114 -4.72 12.97 -11.11
N TRP A 115 -3.73 13.23 -10.28
CA TRP A 115 -2.86 14.41 -10.33
C TRP A 115 -2.35 14.70 -11.76
N TYR A 116 -1.83 13.66 -12.44
CA TYR A 116 -1.28 13.81 -13.79
C TYR A 116 -2.36 14.23 -14.80
N GLN A 117 -3.63 13.87 -14.53
CA GLN A 117 -4.75 14.21 -15.39
C GLN A 117 -5.20 15.66 -15.19
N LYS A 118 -4.75 16.32 -14.08
CA LYS A 118 -5.14 17.72 -13.83
C LYS A 118 -4.59 18.65 -14.92
N PRO A 119 -5.42 19.59 -15.46
CA PRO A 119 -4.91 20.49 -16.50
C PRO A 119 -3.62 21.22 -16.08
N GLY A 120 -2.64 21.22 -16.97
CA GLY A 120 -1.35 21.86 -16.72
C GLY A 120 -0.37 21.01 -15.95
N VAL A 121 -0.79 19.82 -15.49
CA VAL A 121 0.12 18.94 -14.76
C VAL A 121 0.75 17.94 -15.76
N GLY A 122 -0.04 17.00 -16.29
CA GLY A 122 0.46 15.99 -17.24
C GLY A 122 1.66 15.21 -16.75
N LEU A 123 2.62 14.97 -17.64
CA LEU A 123 3.85 14.20 -17.36
C LEU A 123 4.84 14.91 -16.43
N ASP A 124 4.55 16.18 -16.04
CA ASP A 124 5.31 16.91 -15.02
C ASP A 124 5.17 16.21 -13.67
N ALA A 125 4.08 15.42 -13.50
CA ALA A 125 3.79 14.59 -12.32
C ALA A 125 4.90 13.59 -12.03
N ILE A 126 5.79 13.26 -13.01
CA ILE A 126 6.92 12.33 -12.78
C ILE A 126 7.91 12.97 -11.79
N ASN A 127 8.14 14.27 -11.96
CA ASN A 127 9.04 15.05 -11.12
C ASN A 127 8.40 15.22 -9.76
N ASP A 128 7.06 15.45 -9.76
CA ASP A 128 6.23 15.59 -8.56
C ASP A 128 6.33 14.30 -7.73
N ALA A 129 6.24 13.11 -8.38
CA ALA A 129 6.34 11.81 -7.67
C ALA A 129 7.72 11.68 -7.03
N ASN A 130 8.78 12.05 -7.77
CA ASN A 130 10.17 12.05 -7.29
C ASN A 130 10.30 12.96 -6.09
N LEU A 131 9.69 14.18 -6.12
CA LEU A 131 9.75 15.10 -4.98
C LEU A 131 9.11 14.51 -3.73
N LEU A 132 7.96 13.82 -3.90
CA LEU A 132 7.27 13.17 -2.79
C LEU A 132 8.20 12.16 -2.10
N GLU A 133 8.97 11.40 -2.91
CA GLU A 133 9.96 10.43 -2.43
C GLU A 133 11.09 11.16 -1.67
N ALA A 134 11.61 12.26 -2.25
CA ALA A 134 12.67 13.05 -1.62
C ALA A 134 12.28 13.61 -0.25
N CYS A 135 10.99 13.92 -0.06
CA CYS A 135 10.48 14.47 1.19
C CYS A 135 10.69 13.55 2.39
N ILE A 136 10.62 12.22 2.18
CA ILE A 136 10.83 11.19 3.21
C ILE A 136 12.16 11.37 3.90
N TYR A 137 13.23 11.45 3.13
CA TYR A 137 14.62 11.53 3.56
C TYR A 137 14.91 12.89 4.15
N ARG A 138 14.19 13.93 3.70
CA ARG A 138 14.28 15.28 4.28
C ARG A 138 13.68 15.27 5.72
N LEU A 139 12.51 14.63 5.90
CA LEU A 139 11.80 14.50 7.15
C LEU A 139 12.56 13.63 8.12
N LEU A 140 13.17 12.52 7.63
CA LEU A 140 14.01 11.65 8.46
C LEU A 140 15.23 12.41 8.99
N LYS A 141 15.84 13.26 8.17
CA LYS A 141 16.97 14.05 8.61
C LYS A 141 16.52 15.14 9.59
N LEU A 142 15.42 15.84 9.27
CA LEU A 142 14.93 16.93 10.11
C LEU A 142 14.52 16.49 11.50
N TYR A 143 13.97 15.28 11.63
CA TYR A 143 13.43 14.76 12.87
C TYR A 143 14.23 13.68 13.56
N CYS A 144 14.93 12.81 12.82
CA CYS A 144 15.58 11.62 13.38
C CYS A 144 17.10 11.57 13.25
N ARG A 145 17.76 12.58 12.64
CA ARG A 145 19.22 12.56 12.42
C ARG A 145 20.03 12.12 13.66
N GLU A 146 19.65 12.63 14.84
CA GLU A 146 20.30 12.37 16.14
C GLU A 146 19.87 11.08 16.85
N GLN A 147 18.97 10.28 16.24
CA GLN A 147 18.49 9.02 16.84
C GLN A 147 19.36 7.81 16.53
N PRO A 148 19.48 6.81 17.44
CA PRO A 148 20.32 5.63 17.13
C PRO A 148 19.77 4.72 16.02
N TYR A 149 18.53 4.97 15.59
CA TYR A 149 17.83 4.21 14.56
C TYR A 149 17.79 4.92 13.18
N TYR A 150 18.32 6.16 13.08
CA TYR A 150 18.36 6.97 11.85
C TYR A 150 18.70 6.16 10.58
N LEU A 151 19.89 5.55 10.53
CA LEU A 151 20.34 4.74 9.42
C LEU A 151 19.38 3.57 9.08
N ASN A 152 18.92 2.82 10.11
CA ASN A 152 17.95 1.73 9.95
C ASN A 152 16.70 2.22 9.22
N LEU A 153 16.19 3.42 9.59
CA LEU A 153 14.98 3.97 8.94
C LEU A 153 15.25 4.30 7.48
N ILE A 154 16.38 4.98 7.19
CA ILE A 154 16.81 5.34 5.83
C ILE A 154 16.89 4.07 4.96
N GLU A 155 17.59 3.03 5.43
CA GLU A 155 17.76 1.74 4.73
C GLU A 155 16.46 1.00 4.53
N LEU A 156 15.57 1.08 5.51
CA LEU A 156 14.24 0.47 5.46
C LEU A 156 13.37 1.14 4.41
N PHE A 157 13.32 2.49 4.40
CA PHE A 157 12.55 3.20 3.37
C PHE A 157 13.12 2.95 1.96
N LEU A 158 14.48 2.94 1.81
CA LEU A 158 15.15 2.64 0.53
C LEU A 158 14.86 1.21 0.03
N GLN A 159 15.02 0.20 0.91
CA GLN A 159 14.77 -1.22 0.56
C GLN A 159 13.30 -1.43 0.16
N SER A 160 12.36 -0.75 0.84
CA SER A 160 10.91 -0.84 0.55
C SER A 160 10.60 -0.21 -0.78
N SER A 161 11.25 0.92 -1.13
CA SER A 161 11.07 1.55 -2.46
C SER A 161 11.57 0.56 -3.52
N TYR A 162 12.73 -0.03 -3.30
CA TYR A 162 13.34 -0.99 -4.21
C TYR A 162 12.44 -2.21 -4.43
N GLN A 163 11.92 -2.79 -3.35
CA GLN A 163 11.05 -3.96 -3.45
C GLN A 163 9.76 -3.66 -4.19
N THR A 164 9.14 -2.50 -3.89
CA THR A 164 7.93 -2.03 -4.58
C THR A 164 8.19 -1.84 -6.10
N GLU A 165 9.35 -1.28 -6.46
CA GLU A 165 9.75 -1.03 -7.86
C GLU A 165 9.99 -2.31 -8.63
N ILE A 166 10.50 -3.32 -7.95
CA ILE A 166 10.71 -4.65 -8.52
C ILE A 166 9.33 -5.27 -8.73
N GLY A 167 8.43 -5.11 -7.75
CA GLY A 167 7.05 -5.58 -7.87
C GLY A 167 6.32 -4.96 -9.04
N GLN A 168 6.50 -3.63 -9.23
CA GLN A 168 5.90 -2.88 -10.31
C GLN A 168 6.43 -3.34 -11.68
N THR A 169 7.74 -3.65 -11.77
CA THR A 169 8.40 -4.16 -13.00
C THR A 169 7.76 -5.50 -13.35
N LEU A 170 7.63 -6.37 -12.35
CA LEU A 170 7.03 -7.70 -12.47
C LEU A 170 5.58 -7.59 -12.94
N ASP A 171 4.83 -6.61 -12.40
CA ASP A 171 3.45 -6.37 -12.77
C ASP A 171 3.31 -5.94 -14.24
N LEU A 172 4.15 -4.96 -14.68
CA LEU A 172 4.20 -4.44 -16.05
C LEU A 172 4.56 -5.49 -17.07
N LEU A 173 5.48 -6.43 -16.72
CA LEU A 173 5.90 -7.52 -17.60
C LEU A 173 4.82 -8.57 -17.75
N THR A 174 3.99 -8.77 -16.73
CA THR A 174 2.89 -9.76 -16.67
C THR A 174 1.68 -9.29 -17.47
N ALA A 175 1.34 -8.01 -17.34
CA ALA A 175 0.20 -7.40 -18.03
C ALA A 175 0.67 -6.29 -19.00
N PRO A 176 1.37 -6.60 -20.12
CA PRO A 176 1.79 -5.52 -21.03
C PRO A 176 0.59 -4.92 -21.76
N GLN A 177 0.40 -3.57 -21.66
CA GLN A 177 -0.68 -2.85 -22.37
C GLN A 177 -0.48 -3.08 -23.87
N GLY A 178 -1.47 -3.71 -24.50
CA GLY A 178 -1.45 -4.04 -25.92
C GLY A 178 -1.13 -5.49 -26.21
N ASN A 179 -0.16 -6.07 -25.45
CA ASN A 179 0.25 -7.47 -25.58
C ASN A 179 -0.48 -8.33 -24.52
N VAL A 180 -1.82 -8.38 -24.65
CA VAL A 180 -2.75 -9.11 -23.78
C VAL A 180 -2.49 -10.63 -23.80
N ASP A 181 -1.97 -11.16 -22.66
CA ASP A 181 -1.71 -12.60 -22.50
C ASP A 181 -2.05 -13.12 -21.09
N LEU A 182 -2.96 -14.11 -21.04
CA LEU A 182 -3.45 -14.74 -19.80
C LEU A 182 -2.56 -15.89 -19.32
N VAL A 183 -1.66 -16.37 -20.21
CA VAL A 183 -0.69 -17.44 -19.94
C VAL A 183 0.24 -17.04 -18.77
N ARG A 184 0.57 -15.74 -18.70
CA ARG A 184 1.43 -15.13 -17.66
C ARG A 184 0.76 -15.03 -16.27
N PHE A 185 -0.59 -15.08 -16.24
CA PHE A 185 -1.39 -14.93 -15.04
C PHE A 185 -1.45 -16.20 -14.16
N THR A 186 -0.30 -16.59 -13.57
CA THR A 186 -0.15 -17.75 -12.67
C THR A 186 -0.23 -17.36 -11.18
N GLU A 187 -0.50 -18.34 -10.30
CA GLU A 187 -0.56 -18.07 -8.86
C GLU A 187 0.83 -17.63 -8.35
N LYS A 188 1.90 -18.34 -8.78
CA LYS A 188 3.27 -18.03 -8.39
C LYS A 188 3.63 -16.58 -8.78
N ARG A 189 3.24 -16.15 -9.99
CA ARG A 189 3.48 -14.78 -10.45
C ARG A 189 2.65 -13.77 -9.65
N TYR A 190 1.35 -14.01 -9.47
CA TYR A 190 0.44 -13.18 -8.68
C TYR A 190 1.01 -12.92 -7.25
N LYS A 191 1.37 -14.02 -6.54
CA LYS A 191 1.92 -13.97 -5.18
C LYS A 191 3.22 -13.16 -5.10
N SER A 192 4.12 -13.26 -6.11
CA SER A 192 5.36 -12.48 -6.15
C SER A 192 5.08 -11.01 -6.34
N ILE A 193 4.09 -10.68 -7.21
CA ILE A 193 3.71 -9.29 -7.53
C ILE A 193 3.18 -8.64 -6.24
N VAL A 194 2.23 -9.33 -5.58
CA VAL A 194 1.61 -8.90 -4.33
C VAL A 194 2.66 -8.69 -3.23
N LYS A 195 3.61 -9.63 -3.09
CA LYS A 195 4.65 -9.59 -2.07
C LYS A 195 5.56 -8.40 -2.27
N TYR A 196 6.05 -8.19 -3.49
CA TYR A 196 6.98 -7.10 -3.77
C TYR A 196 6.32 -5.75 -3.95
N LYS A 197 5.23 -5.67 -4.73
CA LYS A 197 4.57 -4.40 -5.04
C LYS A 197 3.69 -3.86 -3.91
N THR A 198 3.14 -4.74 -3.05
CA THR A 198 2.20 -4.32 -2.01
C THR A 198 2.59 -4.66 -0.56
N ALA A 199 2.84 -5.95 -0.25
CA ALA A 199 3.01 -6.43 1.13
C ALA A 199 4.17 -5.81 1.90
N PHE A 200 5.32 -5.61 1.24
CA PHE A 200 6.47 -5.01 1.93
C PHE A 200 6.18 -3.60 2.44
N TYR A 201 5.74 -2.68 1.56
CA TYR A 201 5.55 -1.28 1.97
C TYR A 201 4.30 -1.04 2.80
N SER A 202 3.22 -1.83 2.59
CA SER A 202 1.95 -1.61 3.28
C SER A 202 1.90 -2.25 4.64
N PHE A 203 2.56 -3.41 4.80
CA PHE A 203 2.49 -4.17 6.05
C PHE A 203 3.78 -4.29 6.81
N TYR A 204 4.89 -4.65 6.16
CA TYR A 204 6.15 -4.80 6.85
C TYR A 204 6.77 -3.43 7.21
N LEU A 205 6.89 -2.51 6.25
CA LEU A 205 7.48 -1.19 6.48
C LEU A 205 6.91 -0.44 7.72
N PRO A 206 5.59 -0.23 7.89
CA PRO A 206 5.14 0.57 9.04
C PRO A 206 5.43 -0.06 10.42
N ILE A 207 5.26 -1.39 10.57
CA ILE A 207 5.56 -2.09 11.81
C ILE A 207 7.05 -2.07 12.05
N ALA A 208 7.87 -2.36 10.99
CA ALA A 208 9.34 -2.39 11.02
C ALA A 208 9.88 -1.04 11.42
N ALA A 209 9.30 0.05 10.89
CA ALA A 209 9.69 1.42 11.25
C ALA A 209 9.45 1.66 12.76
N ALA A 210 8.28 1.24 13.28
CA ALA A 210 7.89 1.35 14.68
C ALA A 210 8.85 0.54 15.56
N MET A 211 9.18 -0.70 15.13
CA MET A 211 10.13 -1.59 15.81
C MET A 211 11.52 -0.93 16.01
N TYR A 212 12.12 -0.33 14.95
CA TYR A 212 13.42 0.34 15.03
C TYR A 212 13.39 1.54 15.96
N MET A 213 12.28 2.29 15.95
CA MET A 213 12.05 3.46 16.80
C MET A 213 11.99 3.08 18.28
N ALA A 214 11.62 1.81 18.55
CA ALA A 214 11.52 1.21 19.89
C ALA A 214 12.85 0.55 20.30
N GLY A 215 13.83 0.57 19.41
CA GLY A 215 15.14 -0.04 19.65
C GLY A 215 15.18 -1.53 19.32
N ILE A 216 14.12 -2.05 18.66
CA ILE A 216 14.04 -3.46 18.28
C ILE A 216 14.64 -3.55 16.88
N ASP A 217 15.95 -3.78 16.83
CA ASP A 217 16.71 -3.81 15.58
C ASP A 217 17.23 -5.22 15.19
N GLY A 218 16.96 -6.21 16.01
CA GLY A 218 17.37 -7.59 15.76
C GLY A 218 16.84 -8.18 14.46
N GLU A 219 17.72 -8.86 13.71
CA GLU A 219 17.40 -9.51 12.44
C GLU A 219 16.35 -10.60 12.60
N LYS A 220 16.43 -11.43 13.66
CA LYS A 220 15.47 -12.51 13.89
C LYS A 220 14.07 -11.94 14.17
N GLU A 221 13.99 -10.87 15.01
CA GLU A 221 12.74 -10.18 15.34
C GLU A 221 12.11 -9.58 14.06
N HIS A 222 12.94 -8.97 13.22
CA HIS A 222 12.47 -8.40 11.95
C HIS A 222 12.04 -9.48 10.98
N ALA A 223 12.76 -10.62 10.95
CA ALA A 223 12.40 -11.77 10.11
C ALA A 223 11.08 -12.40 10.56
N ASN A 224 10.84 -12.46 11.89
CA ASN A 224 9.61 -13.00 12.47
C ASN A 224 8.42 -12.12 12.14
N ALA A 225 8.56 -10.80 12.38
CA ALA A 225 7.52 -9.81 12.13
C ALA A 225 7.14 -9.81 10.65
N LYS A 226 8.16 -9.93 9.76
CA LYS A 226 8.03 -10.01 8.29
C LYS A 226 7.25 -11.26 7.85
N LYS A 227 7.48 -12.42 8.48
CA LYS A 227 6.75 -13.63 8.13
C LYS A 227 5.24 -13.45 8.36
N ILE A 228 4.87 -12.79 9.48
CA ILE A 228 3.47 -12.50 9.81
C ILE A 228 2.90 -11.48 8.83
N LEU A 229 3.59 -10.33 8.70
CA LEU A 229 3.15 -9.19 7.90
C LEU A 229 3.03 -9.48 6.39
N LEU A 230 3.90 -10.34 5.82
CA LEU A 230 3.81 -10.67 4.40
C LEU A 230 2.59 -11.55 4.11
N GLU A 231 2.20 -12.39 5.08
CA GLU A 231 1.01 -13.21 4.90
C GLU A 231 -0.25 -12.32 5.02
N MET A 232 -0.21 -11.33 5.93
CA MET A 232 -1.30 -10.37 6.09
C MET A 232 -1.49 -9.57 4.78
N GLY A 233 -0.37 -9.26 4.10
CA GLY A 233 -0.34 -8.54 2.84
C GLY A 233 -0.94 -9.33 1.70
N GLU A 234 -0.62 -10.63 1.61
CA GLU A 234 -1.18 -11.56 0.62
C GLU A 234 -2.73 -11.60 0.78
N PHE A 235 -3.22 -11.90 2.00
CA PHE A 235 -4.65 -11.92 2.28
C PHE A 235 -5.33 -10.62 1.86
N PHE A 236 -4.83 -9.46 2.36
CA PHE A 236 -5.37 -8.15 2.05
C PHE A 236 -5.62 -7.94 0.53
N GLN A 237 -4.56 -8.10 -0.31
CA GLN A 237 -4.67 -7.92 -1.75
C GLN A 237 -5.64 -8.93 -2.38
N ILE A 238 -5.62 -10.21 -1.92
CA ILE A 238 -6.56 -11.24 -2.40
C ILE A 238 -8.02 -10.82 -2.10
N GLN A 239 -8.27 -10.34 -0.87
CA GLN A 239 -9.57 -9.86 -0.42
C GLN A 239 -9.99 -8.59 -1.22
N ASP A 240 -9.05 -7.69 -1.51
CA ASP A 240 -9.29 -6.45 -2.24
C ASP A 240 -9.72 -6.68 -3.72
N ASP A 241 -9.20 -7.77 -4.34
CA ASP A 241 -9.49 -8.14 -5.73
C ASP A 241 -10.91 -8.67 -5.85
N TYR A 242 -11.36 -9.36 -4.79
CA TYR A 242 -12.71 -9.90 -4.67
C TYR A 242 -13.69 -8.73 -4.54
N LEU A 243 -13.48 -7.83 -3.57
CA LEU A 243 -14.31 -6.64 -3.31
C LEU A 243 -14.43 -5.69 -4.50
N ASP A 244 -13.45 -5.75 -5.43
CA ASP A 244 -13.44 -4.98 -6.67
C ASP A 244 -14.65 -5.40 -7.53
N LEU A 245 -15.00 -6.70 -7.49
CA LEU A 245 -16.13 -7.23 -8.21
C LEU A 245 -17.27 -7.64 -7.26
N PHE A 246 -17.12 -8.81 -6.59
CA PHE A 246 -18.10 -9.45 -5.70
C PHE A 246 -18.42 -8.70 -4.40
N GLY A 247 -17.87 -7.51 -4.22
CA GLY A 247 -18.10 -6.71 -3.03
C GLY A 247 -18.98 -5.51 -3.30
N ASP A 248 -20.10 -5.40 -2.52
CA ASP A 248 -21.08 -4.30 -2.55
C ASP A 248 -20.34 -2.98 -2.23
N PRO A 249 -20.16 -2.08 -3.23
CA PRO A 249 -19.35 -0.87 -3.03
C PRO A 249 -19.84 0.15 -1.99
N SER A 250 -20.93 -0.19 -1.25
CA SER A 250 -21.46 0.65 -0.17
C SER A 250 -20.37 0.78 0.90
N VAL A 251 -19.79 -0.37 1.32
CA VAL A 251 -18.71 -0.50 2.31
C VAL A 251 -17.40 0.14 1.78
N THR A 252 -16.98 -0.22 0.55
CA THR A 252 -15.73 0.26 -0.10
C THR A 252 -15.87 1.67 -0.71
N GLY A 253 -14.86 2.09 -1.45
CA GLY A 253 -14.82 3.38 -2.15
C GLY A 253 -14.26 3.29 -3.55
N LYS A 254 -14.48 2.14 -4.24
CA LYS A 254 -14.06 1.82 -5.60
C LYS A 254 -14.93 0.71 -6.23
N ILE A 255 -14.99 0.64 -7.58
CA ILE A 255 -15.79 -0.38 -8.29
C ILE A 255 -14.94 -1.10 -9.37
N GLY A 256 -15.43 -2.27 -9.77
CA GLY A 256 -14.87 -3.21 -10.73
C GLY A 256 -14.36 -2.69 -12.06
N THR A 257 -13.14 -2.14 -12.05
CA THR A 257 -12.44 -1.67 -13.25
C THR A 257 -11.36 -2.68 -13.64
N ASP A 258 -11.16 -3.72 -12.83
CA ASP A 258 -10.12 -4.73 -13.04
C ASP A 258 -10.36 -5.61 -14.28
N ILE A 259 -11.61 -6.00 -14.57
CA ILE A 259 -11.89 -6.81 -15.76
C ILE A 259 -11.59 -6.01 -17.05
N GLN A 260 -12.18 -4.81 -17.20
CA GLN A 260 -11.98 -3.90 -18.34
C GLN A 260 -10.52 -3.39 -18.45
N ASP A 261 -9.79 -3.28 -17.31
CA ASP A 261 -8.40 -2.82 -17.27
C ASP A 261 -7.38 -3.95 -17.49
N ASN A 262 -7.84 -5.23 -17.59
CA ASN A 262 -7.05 -6.44 -17.90
C ASN A 262 -6.01 -6.78 -16.82
N LYS A 263 -6.30 -6.44 -15.56
CA LYS A 263 -5.44 -6.64 -14.40
C LYS A 263 -5.21 -8.11 -14.04
N CYS A 264 -4.05 -8.41 -13.43
CA CYS A 264 -3.75 -9.75 -12.94
C CYS A 264 -4.35 -9.83 -11.52
N SER A 265 -5.67 -10.09 -11.45
CA SER A 265 -6.44 -10.19 -10.21
C SER A 265 -6.38 -11.63 -9.73
N TRP A 266 -6.63 -11.88 -8.42
CA TRP A 266 -6.67 -13.22 -7.84
C TRP A 266 -7.83 -14.04 -8.46
N LEU A 267 -8.90 -13.32 -8.89
CA LEU A 267 -10.08 -13.93 -9.47
C LEU A 267 -9.75 -14.56 -10.82
N VAL A 268 -9.19 -13.76 -11.79
CA VAL A 268 -8.78 -14.20 -13.14
C VAL A 268 -7.75 -15.36 -13.04
N VAL A 269 -6.85 -15.34 -12.02
CA VAL A 269 -5.84 -16.39 -11.75
C VAL A 269 -6.53 -17.73 -11.42
N GLN A 270 -7.52 -17.73 -10.47
CA GLN A 270 -8.25 -18.93 -10.05
C GLN A 270 -9.14 -19.42 -11.16
N CYS A 271 -9.75 -18.48 -11.90
CA CYS A 271 -10.59 -18.72 -13.07
C CYS A 271 -9.81 -19.54 -14.09
N LEU A 272 -8.52 -19.19 -14.32
CA LEU A 272 -7.62 -19.87 -15.26
C LEU A 272 -7.26 -21.29 -14.80
N GLN A 273 -7.00 -21.45 -13.49
CA GLN A 273 -6.65 -22.73 -12.86
C GLN A 273 -7.77 -23.76 -12.97
N ARG A 274 -9.03 -23.31 -12.79
CA ARG A 274 -10.25 -24.12 -12.81
C ARG A 274 -10.97 -24.06 -14.16
N ALA A 275 -10.24 -23.70 -15.23
CA ALA A 275 -10.81 -23.58 -16.57
C ALA A 275 -10.60 -24.78 -17.48
N THR A 276 -11.68 -25.11 -18.22
CA THR A 276 -11.70 -26.14 -19.26
C THR A 276 -11.21 -25.40 -20.53
N PRO A 277 -10.82 -26.06 -21.64
CA PRO A 277 -10.37 -25.30 -22.83
C PRO A 277 -11.40 -24.29 -23.33
N GLU A 278 -12.71 -24.67 -23.30
CA GLU A 278 -13.82 -23.81 -23.72
C GLU A 278 -13.99 -22.60 -22.80
N GLN A 279 -13.97 -22.81 -21.46
CA GLN A 279 -14.08 -21.75 -20.45
C GLN A 279 -12.96 -20.72 -20.61
N TYR A 280 -11.73 -21.18 -20.90
CA TYR A 280 -10.57 -20.31 -21.13
C TYR A 280 -10.76 -19.42 -22.36
N GLN A 281 -11.30 -19.99 -23.47
CA GLN A 281 -11.54 -19.25 -24.72
C GLN A 281 -12.53 -18.10 -24.54
N ILE A 282 -13.57 -18.31 -23.69
CA ILE A 282 -14.57 -17.30 -23.33
C ILE A 282 -13.86 -16.13 -22.63
N LEU A 283 -13.01 -16.44 -21.62
CA LEU A 283 -12.23 -15.46 -20.87
C LEU A 283 -11.29 -14.69 -21.79
N LYS A 284 -10.56 -15.40 -22.66
CA LYS A 284 -9.63 -14.88 -23.67
C LYS A 284 -10.30 -13.81 -24.53
N GLU A 285 -11.56 -14.06 -24.95
CA GLU A 285 -12.36 -13.17 -25.79
C GLU A 285 -12.94 -11.93 -25.07
N ASN A 286 -13.35 -12.09 -23.79
CA ASN A 286 -14.03 -11.03 -23.05
C ASN A 286 -13.17 -10.20 -22.09
N TYR A 287 -12.12 -10.78 -21.50
CA TYR A 287 -11.25 -10.10 -20.53
C TYR A 287 -10.42 -8.96 -21.11
N GLY A 288 -10.43 -7.81 -20.43
CA GLY A 288 -9.68 -6.62 -20.82
C GLY A 288 -10.37 -5.70 -21.82
N GLN A 289 -11.65 -5.97 -22.08
CA GLN A 289 -12.46 -5.22 -23.04
C GLN A 289 -13.29 -4.11 -22.40
N LYS A 290 -13.30 -2.92 -23.05
CA LYS A 290 -14.03 -1.72 -22.61
C LYS A 290 -15.56 -1.87 -22.74
N GLU A 291 -16.01 -2.81 -23.59
CA GLU A 291 -17.41 -3.09 -23.88
C GLU A 291 -18.10 -3.69 -22.66
N ALA A 292 -19.21 -3.04 -22.23
CA ALA A 292 -20.06 -3.36 -21.07
C ALA A 292 -20.55 -4.81 -21.06
N GLU A 293 -21.03 -5.29 -22.22
CA GLU A 293 -21.54 -6.66 -22.46
C GLU A 293 -20.43 -7.69 -22.17
N LYS A 294 -19.21 -7.41 -22.67
CA LYS A 294 -18.01 -8.23 -22.52
C LYS A 294 -17.57 -8.34 -21.07
N VAL A 295 -17.65 -7.21 -20.31
CA VAL A 295 -17.31 -7.16 -18.87
C VAL A 295 -18.30 -8.03 -18.08
N ALA A 296 -19.59 -7.97 -18.46
CA ALA A 296 -20.71 -8.71 -17.86
C ALA A 296 -20.57 -10.24 -18.02
N ARG A 297 -19.92 -10.70 -19.11
CA ARG A 297 -19.72 -12.12 -19.41
C ARG A 297 -18.70 -12.78 -18.48
N VAL A 298 -17.63 -12.02 -18.13
CA VAL A 298 -16.54 -12.45 -17.23
C VAL A 298 -17.12 -12.67 -15.82
N LYS A 299 -17.92 -11.69 -15.31
CA LYS A 299 -18.57 -11.78 -14.00
C LYS A 299 -19.38 -13.07 -13.87
N ALA A 300 -20.19 -13.40 -14.92
CA ALA A 300 -21.02 -14.60 -15.05
C ALA A 300 -20.19 -15.89 -15.03
N LEU A 301 -19.02 -15.88 -15.72
CA LEU A 301 -18.06 -17.01 -15.76
C LEU A 301 -17.45 -17.25 -14.36
N TYR A 302 -17.10 -16.17 -13.64
CA TYR A 302 -16.52 -16.22 -12.28
C TYR A 302 -17.52 -16.86 -11.33
N GLU A 303 -18.81 -16.46 -11.43
CA GLU A 303 -19.89 -16.98 -10.59
C GLU A 303 -20.10 -18.47 -10.83
N GLU A 304 -20.00 -18.89 -12.12
CA GLU A 304 -20.15 -20.27 -12.59
C GLU A 304 -19.07 -21.20 -12.03
N LEU A 305 -17.82 -20.68 -11.92
CA LEU A 305 -16.65 -21.42 -11.44
C LEU A 305 -16.47 -21.42 -9.90
N ASP A 306 -17.55 -21.17 -9.13
CA ASP A 306 -17.59 -21.16 -7.65
C ASP A 306 -16.58 -20.21 -6.99
N LEU A 307 -16.20 -19.12 -7.68
CA LEU A 307 -15.20 -18.16 -7.18
C LEU A 307 -15.63 -17.41 -5.89
N PRO A 308 -16.93 -17.06 -5.62
CA PRO A 308 -17.27 -16.46 -4.33
C PRO A 308 -17.11 -17.46 -3.18
N ALA A 309 -17.29 -18.77 -3.48
CA ALA A 309 -17.15 -19.89 -2.54
C ALA A 309 -15.68 -20.25 -2.33
N VAL A 310 -14.87 -20.14 -3.41
CA VAL A 310 -13.43 -20.41 -3.43
C VAL A 310 -12.74 -19.38 -2.51
N PHE A 311 -13.19 -18.11 -2.58
CA PHE A 311 -12.71 -17.00 -1.77
C PHE A 311 -13.10 -17.16 -0.31
N LEU A 312 -14.26 -17.78 -0.03
CA LEU A 312 -14.70 -18.01 1.34
C LEU A 312 -13.86 -19.07 2.01
N GLN A 313 -13.59 -20.20 1.30
CA GLN A 313 -12.73 -21.28 1.81
C GLN A 313 -11.27 -20.78 2.03
N TYR A 314 -10.83 -19.79 1.21
CA TYR A 314 -9.51 -19.16 1.34
C TYR A 314 -9.47 -18.33 2.64
N GLU A 315 -10.53 -17.50 2.89
CA GLU A 315 -10.70 -16.65 4.08
C GLU A 315 -10.61 -17.51 5.35
N GLU A 316 -11.32 -18.65 5.35
CA GLU A 316 -11.38 -19.65 6.44
C GLU A 316 -9.99 -20.15 6.81
N ASP A 317 -9.23 -20.65 5.81
CA ASP A 317 -7.87 -21.17 6.03
C ASP A 317 -6.93 -20.04 6.48
N SER A 318 -7.10 -18.82 5.93
CA SER A 318 -6.33 -17.62 6.24
C SER A 318 -6.55 -17.11 7.64
N TYR A 319 -7.80 -17.17 8.17
CA TYR A 319 -8.11 -16.71 9.52
C TYR A 319 -7.29 -17.50 10.53
N SER A 320 -7.30 -18.85 10.41
CA SER A 320 -6.58 -19.78 11.29
C SER A 320 -5.06 -19.64 11.15
N HIS A 321 -4.58 -19.53 9.91
CA HIS A 321 -3.17 -19.43 9.59
C HIS A 321 -2.49 -18.18 10.16
N ILE A 322 -3.13 -16.99 10.05
CA ILE A 322 -2.54 -15.75 10.59
C ILE A 322 -2.52 -15.80 12.13
N MET A 323 -3.48 -16.52 12.72
CA MET A 323 -3.54 -16.73 14.16
C MET A 323 -2.38 -17.64 14.54
N ALA A 324 -2.07 -18.65 13.70
CA ALA A 324 -0.95 -19.57 13.94
C ALA A 324 0.37 -18.80 13.80
N LEU A 325 0.46 -17.92 12.81
CA LEU A 325 1.64 -17.10 12.56
C LEU A 325 1.92 -16.15 13.71
N ILE A 326 0.85 -15.53 14.29
CA ILE A 326 0.96 -14.63 15.44
C ILE A 326 1.39 -15.44 16.66
N GLU A 327 0.70 -16.57 16.94
CA GLU A 327 1.01 -17.50 18.03
C GLU A 327 2.52 -17.86 18.03
N GLN A 328 3.03 -18.33 16.88
CA GLN A 328 4.40 -18.78 16.72
C GLN A 328 5.50 -17.69 16.60
N TYR A 329 5.24 -16.56 15.90
CA TYR A 329 6.27 -15.57 15.61
C TYR A 329 6.16 -14.17 16.24
N ALA A 330 5.08 -13.83 16.97
CA ALA A 330 4.98 -12.48 17.57
C ALA A 330 6.02 -12.22 18.68
N ALA A 331 6.26 -13.19 19.59
CA ALA A 331 7.25 -13.08 20.68
C ALA A 331 8.63 -12.66 20.15
N PRO A 332 9.29 -11.66 20.76
CA PRO A 332 8.94 -10.98 22.02
C PRO A 332 8.01 -9.76 21.90
N LEU A 333 7.49 -9.46 20.71
CA LEU A 333 6.59 -8.32 20.51
C LEU A 333 5.19 -8.61 21.08
N PRO A 334 4.42 -7.60 21.56
CA PRO A 334 3.08 -7.90 22.10
C PRO A 334 2.19 -8.36 20.94
N PRO A 335 1.48 -9.50 21.07
CA PRO A 335 0.68 -9.97 19.93
C PRO A 335 -0.37 -8.98 19.43
N ALA A 336 -0.80 -8.00 20.28
CA ALA A 336 -1.77 -6.95 19.94
C ALA A 336 -1.26 -6.03 18.80
N VAL A 337 0.08 -5.96 18.61
CA VAL A 337 0.78 -5.23 17.53
C VAL A 337 0.28 -5.77 16.20
N PHE A 338 0.20 -7.10 16.07
CA PHE A 338 -0.25 -7.75 14.85
C PHE A 338 -1.77 -7.89 14.80
N LEU A 339 -2.38 -8.19 15.95
CA LEU A 339 -3.83 -8.40 16.11
C LEU A 339 -4.70 -7.18 15.79
N GLY A 340 -4.24 -6.00 16.19
CA GLY A 340 -4.92 -4.72 15.95
C GLY A 340 -4.94 -4.42 14.46
N LEU A 341 -3.89 -4.82 13.75
CA LEU A 341 -3.75 -4.68 12.32
C LEU A 341 -4.62 -5.75 11.61
N ALA A 342 -4.49 -7.03 11.99
CA ALA A 342 -5.31 -8.11 11.44
C ALA A 342 -6.82 -7.86 11.60
N ARG A 343 -7.27 -7.28 12.74
CA ARG A 343 -8.70 -7.00 12.93
C ARG A 343 -9.23 -6.06 11.83
N LYS A 344 -8.49 -4.99 11.53
CA LYS A 344 -8.85 -4.02 10.50
C LYS A 344 -8.93 -4.68 9.08
N ILE A 345 -8.06 -5.66 8.80
CA ILE A 345 -7.99 -6.33 7.51
C ILE A 345 -8.99 -7.49 7.41
N TYR A 346 -8.99 -8.43 8.37
CA TYR A 346 -9.81 -9.66 8.39
C TYR A 346 -11.28 -9.48 8.83
N LYS A 347 -11.66 -8.28 9.33
CA LYS A 347 -13.01 -7.96 9.80
C LYS A 347 -13.42 -6.56 9.40
#